data_6FC3
#
_entry.id   6FC3
#
_cell.length_a   102.016
_cell.length_b   62.755
_cell.length_c   44.732
_cell.angle_alpha   90.00
_cell.angle_beta   106.99
_cell.angle_gamma   90.00
#
_symmetry.space_group_name_H-M   'C 1 2 1'
#
loop_
_entity.id
_entity.type
_entity.pdbx_description
1 polymer 'Eukaryotic translation initiation factor 4E'
2 polymer 'Cap-associated protein CAF20'
3 non-polymer 'ZINC ION'
4 non-polymer GLYCEROL
5 water water
#
loop_
_entity_poly.entity_id
_entity_poly.type
_entity_poly.pdbx_seq_one_letter_code
_entity_poly.pdbx_strand_id
1 'polypeptide(L)'
;GPHMVKHPLNTAWTLWYTKPAVDKSESWSDLLRPVTSFQTVEEFWAIIQNIPEPHELPLKSDYHVFRNDVRPEWEDEANA
KGGKWSFQLRGKGADIDELWLRTLLAVIGETIDEDDSQINGVVLSIRKGGNKFALWTASEDKEPLLRIGGKFKQVLALTD
DGHLEFFPHSSANGRHPQPSITL
;
A
2 'polypeptide(L)' GPHMIKYTIDELFQLKPSLTLEVNFDAVEFRAIIEKVKQLQHLKEEEFNSHH B
#
# COMPACT_ATOMS: atom_id res chain seq x y z
N VAL A 5 -7.45 -24.45 11.50
CA VAL A 5 -7.10 -23.25 12.28
C VAL A 5 -7.20 -21.98 11.44
N LYS A 6 -8.02 -21.03 11.86
CA LYS A 6 -8.24 -19.79 11.16
C LYS A 6 -8.25 -18.66 12.18
N HIS A 7 -7.55 -17.58 11.85
CA HIS A 7 -7.61 -16.35 12.62
C HIS A 7 -8.27 -15.27 11.77
N PRO A 8 -9.55 -15.00 11.96
CA PRO A 8 -10.24 -14.04 11.10
C PRO A 8 -9.77 -12.63 11.35
N LEU A 9 -9.74 -11.85 10.27
CA LEU A 9 -9.48 -10.42 10.36
C LEU A 9 -10.78 -9.67 10.60
N ASN A 10 -10.64 -8.44 11.12
CA ASN A 10 -11.82 -7.59 11.33
C ASN A 10 -12.64 -7.43 10.05
N THR A 11 -11.99 -7.17 8.92
CA THR A 11 -12.74 -7.12 7.67
C THR A 11 -11.95 -7.87 6.61
N ALA A 12 -12.62 -8.14 5.49
CA ALA A 12 -11.92 -8.65 4.31
C ALA A 12 -11.21 -7.51 3.59
N TRP A 13 -10.11 -7.85 2.92
CA TRP A 13 -9.29 -6.91 2.17
C TRP A 13 -9.04 -7.46 0.79
N THR A 14 -8.82 -6.56 -0.17
CA THR A 14 -8.43 -6.94 -1.53
C THR A 14 -7.08 -6.34 -1.86
N LEU A 15 -6.18 -7.16 -2.40
CA LEU A 15 -4.95 -6.69 -3.02
C LEU A 15 -5.21 -6.36 -4.47
N TRP A 16 -4.77 -5.17 -4.88
CA TRP A 16 -4.85 -4.70 -6.25
C TRP A 16 -3.45 -4.40 -6.74
N TYR A 17 -3.25 -4.54 -8.06
CA TYR A 17 -2.00 -4.19 -8.70
C TYR A 17 -2.26 -3.21 -9.83
N THR A 18 -1.48 -2.16 -9.90
CA THR A 18 -1.49 -1.25 -11.03
C THR A 18 -0.25 -1.55 -11.86
N LYS A 19 -0.46 -2.04 -13.06
CA LYS A 19 0.64 -2.42 -13.95
C LYS A 19 1.17 -1.20 -14.67
N PRO A 20 2.49 -1.05 -14.81
CA PRO A 20 2.99 0.02 -15.64
C PRO A 20 2.56 -0.15 -17.08
N ALA A 21 2.21 0.95 -17.73
CA ALA A 21 2.00 0.92 -19.16
C ALA A 21 3.34 0.72 -19.88
N VAL A 22 3.40 -0.24 -20.79
CA VAL A 22 4.60 -0.41 -21.62
C VAL A 22 4.46 0.23 -22.99
N ASP A 23 3.25 0.58 -23.41
N ASP A 23 3.28 0.60 -23.41
CA ASP A 23 2.95 1.33 -24.62
CA ASP A 23 3.18 1.46 -24.59
C ASP A 23 2.16 2.57 -24.24
C ASP A 23 2.12 2.51 -24.33
N LYS A 24 2.24 3.62 -25.07
CA LYS A 24 1.42 4.80 -24.82
C LYS A 24 -0.06 4.45 -24.76
N SER A 25 -0.50 3.60 -25.67
CA SER A 25 -1.90 3.26 -25.74
C SER A 25 -2.42 2.53 -24.52
N GLU A 26 -1.55 1.87 -23.77
CA GLU A 26 -2.02 1.15 -22.59
C GLU A 26 -2.58 2.08 -21.55
N SER A 27 -2.22 3.36 -21.60
CA SER A 27 -2.77 4.37 -20.70
C SER A 27 -4.26 4.58 -20.94
N TRP A 28 -4.79 4.08 -22.05
CA TRP A 28 -6.22 4.15 -22.30
C TRP A 28 -6.98 2.95 -21.73
N SER A 29 -6.28 1.97 -21.20
CA SER A 29 -6.92 0.81 -20.61
C SER A 29 -6.86 0.89 -19.09
N ASP A 30 -7.62 0.01 -18.46
CA ASP A 30 -7.68 -0.06 -17.00
C ASP A 30 -6.55 -0.98 -16.56
N LEU A 31 -5.46 -0.37 -16.08
CA LEU A 31 -4.29 -1.09 -15.62
C LEU A 31 -4.37 -1.45 -14.14
N LEU A 32 -5.39 -0.96 -13.45
CA LEU A 32 -5.64 -1.29 -12.05
C LEU A 32 -6.51 -2.53 -12.00
N ARG A 33 -5.98 -3.61 -11.45
CA ARG A 33 -6.70 -4.87 -11.44
C ARG A 33 -6.69 -5.49 -10.05
N PRO A 34 -7.80 -6.06 -9.63
CA PRO A 34 -7.80 -6.81 -8.36
C PRO A 34 -7.03 -8.10 -8.55
N VAL A 35 -6.21 -8.44 -7.57
CA VAL A 35 -5.44 -9.68 -7.61
C VAL A 35 -6.15 -10.78 -6.85
N THR A 36 -6.46 -10.54 -5.59
CA THR A 36 -7.08 -11.54 -4.74
C THR A 36 -7.61 -10.84 -3.50
N SER A 37 -8.48 -11.53 -2.77
CA SER A 37 -9.06 -11.01 -1.55
C SER A 37 -8.65 -11.95 -0.43
N PHE A 38 -8.66 -11.43 0.80
CA PHE A 38 -8.35 -12.26 1.95
C PHE A 38 -9.11 -11.75 3.17
N GLN A 39 -9.40 -12.67 4.09
CA GLN A 39 -10.10 -12.29 5.31
C GLN A 39 -9.62 -13.05 6.55
N THR A 40 -8.51 -13.78 6.48
CA THR A 40 -7.86 -14.35 7.64
C THR A 40 -6.36 -14.03 7.61
N VAL A 41 -5.74 -14.17 8.78
CA VAL A 41 -4.30 -13.99 8.87
C VAL A 41 -3.57 -14.99 7.99
N GLU A 42 -4.03 -16.25 8.00
CA GLU A 42 -3.38 -17.29 7.21
C GLU A 42 -3.45 -16.98 5.72
N GLU A 43 -4.61 -16.51 5.25
CA GLU A 43 -4.77 -16.16 3.85
C GLU A 43 -3.86 -14.99 3.47
N PHE A 44 -3.71 -14.03 4.39
CA PHE A 44 -2.80 -12.90 4.17
C PHE A 44 -1.38 -13.37 3.94
N TRP A 45 -0.86 -14.21 4.83
CA TRP A 45 0.53 -14.66 4.69
C TRP A 45 0.73 -15.52 3.45
N ALA A 46 -0.27 -16.31 3.05
CA ALA A 46 -0.14 -17.07 1.81
C ALA A 46 0.06 -16.14 0.62
N ILE A 47 -0.64 -15.01 0.60
CA ILE A 47 -0.50 -14.04 -0.48
C ILE A 47 0.89 -13.42 -0.49
N ILE A 48 1.34 -12.94 0.67
CA ILE A 48 2.67 -12.35 0.78
C ILE A 48 3.74 -13.29 0.26
N GLN A 49 3.63 -14.57 0.61
CA GLN A 49 4.61 -15.56 0.16
C GLN A 49 4.60 -15.77 -1.36
N ASN A 50 3.54 -15.35 -2.05
CA ASN A 50 3.34 -15.70 -3.45
C ASN A 50 3.26 -14.50 -4.38
N ILE A 51 3.68 -13.31 -3.94
CA ILE A 51 3.71 -12.12 -4.82
C ILE A 51 5.09 -11.48 -4.74
N PRO A 52 5.52 -10.79 -5.77
CA PRO A 52 6.85 -10.16 -5.71
C PRO A 52 6.90 -9.14 -4.58
N GLU A 53 8.07 -9.07 -3.93
CA GLU A 53 8.37 -8.06 -2.93
C GLU A 53 8.41 -6.66 -3.56
N PRO A 54 8.09 -5.63 -2.77
CA PRO A 54 8.10 -4.26 -3.32
C PRO A 54 9.35 -3.88 -4.09
N HIS A 55 10.55 -4.22 -3.61
CA HIS A 55 11.77 -3.72 -4.23
C HIS A 55 11.98 -4.32 -5.62
N GLU A 56 11.27 -5.42 -5.93
CA GLU A 56 11.40 -6.10 -7.22
C GLU A 56 10.48 -5.55 -8.28
N LEU A 57 9.56 -4.64 -7.93
CA LEU A 57 8.51 -4.23 -8.86
C LEU A 57 9.05 -3.23 -9.87
N PRO A 58 8.52 -3.25 -11.08
CA PRO A 58 8.91 -2.25 -12.08
C PRO A 58 8.43 -0.87 -11.70
N LEU A 59 9.12 0.12 -12.26
CA LEU A 59 8.75 1.50 -12.03
C LEU A 59 7.33 1.78 -12.50
N LYS A 60 6.61 2.58 -11.73
CA LYS A 60 5.23 2.96 -11.94
C LYS A 60 4.26 1.87 -11.47
N SER A 61 4.75 0.81 -10.82
CA SER A 61 3.87 -0.17 -10.18
C SER A 61 3.21 0.43 -8.95
N ASP A 62 1.99 -0.04 -8.64
CA ASP A 62 1.40 0.17 -7.33
C ASP A 62 0.83 -1.14 -6.82
N TYR A 63 0.95 -1.37 -5.50
CA TYR A 63 0.11 -2.31 -4.79
C TYR A 63 -0.90 -1.50 -3.98
N HIS A 64 -2.16 -1.94 -3.99
CA HIS A 64 -3.18 -1.33 -3.15
C HIS A 64 -3.81 -2.43 -2.31
N VAL A 65 -3.95 -2.18 -1.00
CA VAL A 65 -4.63 -3.12 -0.11
C VAL A 65 -5.75 -2.33 0.54
N PHE A 66 -6.98 -2.63 0.12
CA PHE A 66 -8.14 -1.84 0.52
C PHE A 66 -9.25 -2.75 1.07
N ARG A 67 -10.04 -2.19 1.97
CA ARG A 67 -11.19 -2.92 2.49
C ARG A 67 -12.12 -3.28 1.33
N ASN A 68 -12.73 -4.45 1.43
CA ASN A 68 -13.33 -5.06 0.24
C ASN A 68 -14.33 -4.15 -0.45
N ASP A 69 -15.07 -3.35 0.30
CA ASP A 69 -16.05 -2.45 -0.29
C ASP A 69 -15.48 -1.08 -0.63
N VAL A 70 -14.19 -0.99 -0.99
CA VAL A 70 -13.56 0.28 -1.32
C VAL A 70 -12.66 0.10 -2.53
N ARG A 71 -13.02 0.74 -3.65
CA ARG A 71 -12.13 0.69 -4.81
C ARG A 71 -11.00 1.71 -4.63
N PRO A 72 -9.81 1.43 -5.14
CA PRO A 72 -8.70 2.38 -4.83
C PRO A 72 -8.72 3.64 -5.68
N GLU A 73 -9.72 4.49 -5.47
CA GLU A 73 -9.80 5.77 -6.17
C GLU A 73 -10.11 6.93 -5.23
N GLU A 77 -13.19 10.38 -4.84
CA GLU A 77 -13.00 11.57 -5.67
C GLU A 77 -12.10 12.60 -5.00
N ALA A 78 -11.78 13.66 -5.74
CA ALA A 78 -11.12 14.80 -5.11
C ALA A 78 -11.95 15.32 -3.95
N ASN A 79 -13.28 15.31 -4.10
CA ASN A 79 -14.17 15.81 -3.06
C ASN A 79 -14.66 14.69 -2.11
N ALA A 80 -14.01 13.52 -2.13
CA ALA A 80 -14.18 12.54 -1.05
C ALA A 80 -13.61 13.09 0.25
N LYS A 81 -14.06 12.52 1.37
CA LYS A 81 -13.68 13.05 2.68
C LYS A 81 -12.46 12.32 3.22
N GLY A 82 -11.54 13.09 3.79
CA GLY A 82 -10.29 12.55 4.26
C GLY A 82 -9.10 12.87 3.37
N GLY A 83 -8.16 11.95 3.30
CA GLY A 83 -6.92 12.21 2.60
C GLY A 83 -5.97 11.06 2.82
N LYS A 84 -4.70 11.32 2.59
CA LYS A 84 -3.70 10.28 2.75
C LYS A 84 -2.48 10.76 3.51
N TRP A 85 -1.97 9.89 4.35
CA TRP A 85 -0.67 10.05 4.96
C TRP A 85 0.35 9.41 4.00
N SER A 86 1.20 10.24 3.40
CA SER A 86 2.17 9.80 2.40
C SER A 86 3.53 9.68 3.07
N PHE A 87 4.14 8.50 2.95
CA PHE A 87 5.45 8.19 3.51
C PHE A 87 6.46 8.07 2.38
N GLN A 88 7.44 8.98 2.35
CA GLN A 88 8.53 8.92 1.39
CA GLN A 88 8.53 8.92 1.38
C GLN A 88 9.69 8.17 2.03
N LEU A 89 10.13 7.08 1.41
CA LEU A 89 11.18 6.24 1.99
C LEU A 89 12.47 7.01 2.21
N ARG A 90 12.90 7.78 1.20
CA ARG A 90 14.17 8.49 1.25
C ARG A 90 15.27 7.53 1.70
N GLY A 91 16.04 7.85 2.74
CA GLY A 91 17.15 7.04 3.25
C GLY A 91 16.76 5.70 3.84
N LYS A 92 15.46 5.40 4.01
CA LYS A 92 15.00 4.09 4.47
C LYS A 92 14.70 3.12 3.34
N GLY A 93 15.04 3.48 2.11
CA GLY A 93 14.63 2.73 0.94
C GLY A 93 15.09 1.28 0.92
N ALA A 94 16.26 0.97 1.48
CA ALA A 94 16.71 -0.43 1.53
C ALA A 94 15.72 -1.31 2.30
N ASP A 95 14.95 -0.73 3.21
CA ASP A 95 14.05 -1.46 4.09
C ASP A 95 12.61 -1.47 3.60
N ILE A 96 12.37 -1.13 2.33
CA ILE A 96 11.02 -0.95 1.84
C ILE A 96 10.17 -2.20 2.07
N ASP A 97 10.74 -3.42 1.86
CA ASP A 97 9.89 -4.61 1.94
C ASP A 97 9.37 -4.83 3.35
N GLU A 98 10.22 -4.58 4.36
CA GLU A 98 9.85 -4.86 5.75
C GLU A 98 8.95 -3.76 6.29
N LEU A 99 9.21 -2.52 5.86
CA LEU A 99 8.37 -1.39 6.26
C LEU A 99 6.97 -1.51 5.68
N TRP A 100 6.88 -1.96 4.41
CA TRP A 100 5.60 -2.21 3.77
C TRP A 100 4.83 -3.30 4.49
N LEU A 101 5.50 -4.41 4.79
CA LEU A 101 4.84 -5.51 5.48
C LEU A 101 4.36 -5.08 6.86
N ARG A 102 5.19 -4.35 7.61
CA ARG A 102 4.77 -3.87 8.93
C ARG A 102 3.58 -2.93 8.82
N THR A 103 3.59 -2.06 7.81
CA THR A 103 2.45 -1.18 7.58
C THR A 103 1.18 -1.99 7.30
N LEU A 104 1.27 -3.02 6.47
CA LEU A 104 0.10 -3.86 6.21
C LEU A 104 -0.39 -4.55 7.47
N LEU A 105 0.53 -5.03 8.31
CA LEU A 105 0.12 -5.68 9.54
C LEU A 105 -0.56 -4.70 10.48
N ALA A 106 -0.03 -3.48 10.58
CA ALA A 106 -0.68 -2.46 11.39
C ALA A 106 -2.08 -2.16 10.89
N VAL A 107 -2.30 -2.23 9.58
CA VAL A 107 -3.59 -1.90 9.01
C VAL A 107 -4.58 -3.05 9.14
N ILE A 108 -4.20 -4.25 8.70
CA ILE A 108 -5.18 -5.33 8.76
C ILE A 108 -5.41 -5.78 10.20
N GLY A 109 -4.47 -5.53 11.08
CA GLY A 109 -4.62 -5.86 12.48
C GLY A 109 -5.32 -4.79 13.27
N GLU A 110 -5.58 -3.64 12.62
CA GLU A 110 -6.44 -2.57 13.11
C GLU A 110 -5.82 -1.82 14.28
N THR A 111 -4.49 -1.82 14.42
CA THR A 111 -3.88 -1.11 15.52
C THR A 111 -3.43 0.30 15.16
N ILE A 112 -3.46 0.67 13.89
CA ILE A 112 -3.09 2.02 13.52
C ILE A 112 -4.28 2.96 13.72
N ASP A 113 -5.47 2.40 13.83
CA ASP A 113 -6.73 3.06 13.56
C ASP A 113 -7.42 3.53 14.85
N GLU A 114 -8.26 4.57 14.70
CA GLU A 114 -9.11 5.04 15.77
C GLU A 114 -10.24 4.05 16.05
N GLN A 118 -11.30 6.55 10.04
CA GLN A 118 -11.00 5.15 9.87
C GLN A 118 -10.02 5.02 8.70
N ILE A 119 -9.38 3.88 8.62
CA ILE A 119 -8.37 3.59 7.61
C ILE A 119 -9.03 2.78 6.49
N ASN A 120 -8.99 3.30 5.26
CA ASN A 120 -9.65 2.66 4.12
C ASN A 120 -8.73 1.71 3.38
N GLY A 121 -7.44 1.99 3.35
CA GLY A 121 -6.52 1.22 2.56
C GLY A 121 -5.13 1.82 2.59
N VAL A 122 -4.19 1.09 2.00
CA VAL A 122 -2.82 1.56 1.93
C VAL A 122 -2.28 1.22 0.53
N VAL A 123 -1.43 2.11 0.01
CA VAL A 123 -0.92 2.03 -1.36
C VAL A 123 0.60 2.09 -1.31
N LEU A 124 1.22 1.20 -2.05
CA LEU A 124 2.66 1.22 -2.31
C LEU A 124 2.89 1.73 -3.72
N SER A 125 3.76 2.72 -3.88
CA SER A 125 4.05 3.33 -5.19
C SER A 125 5.55 3.25 -5.46
N ILE A 126 5.91 2.61 -6.57
CA ILE A 126 7.30 2.50 -7.03
C ILE A 126 7.52 3.56 -8.09
N ARG A 127 8.45 4.49 -7.84
CA ARG A 127 8.65 5.65 -8.71
C ARG A 127 10.14 5.95 -8.81
N LYS A 128 10.53 6.43 -9.99
CA LYS A 128 11.90 6.87 -10.22
C LYS A 128 12.24 8.00 -9.25
N GLY A 129 13.41 7.90 -8.64
CA GLY A 129 13.80 8.89 -7.65
C GLY A 129 13.32 8.62 -6.24
N GLY A 130 12.22 7.89 -6.08
CA GLY A 130 11.81 7.54 -4.72
C GLY A 130 10.46 6.87 -4.56
N ASN A 131 10.48 5.78 -3.80
CA ASN A 131 9.28 5.02 -3.49
C ASN A 131 8.53 5.64 -2.31
N LYS A 132 7.23 5.35 -2.24
CA LYS A 132 6.42 5.90 -1.16
C LYS A 132 5.27 4.94 -0.87
N PHE A 133 4.72 5.06 0.35
CA PHE A 133 3.46 4.45 0.77
C PHE A 133 2.45 5.54 1.06
N ALA A 134 1.17 5.22 0.94
CA ALA A 134 0.13 6.17 1.31
C ALA A 134 -0.95 5.45 2.11
N LEU A 135 -1.29 5.99 3.28
CA LEU A 135 -2.32 5.46 4.13
C LEU A 135 -3.55 6.34 3.92
N TRP A 136 -4.62 5.79 3.38
CA TRP A 136 -5.80 6.57 3.02
C TRP A 136 -6.75 6.53 4.21
N THR A 137 -7.18 7.69 4.66
CA THR A 137 -8.10 7.77 5.78
C THR A 137 -9.30 8.64 5.43
N ALA A 138 -10.41 8.36 6.09
CA ALA A 138 -11.59 9.19 5.92
C ALA A 138 -11.61 10.36 6.89
N SER A 139 -10.63 10.45 7.77
CA SER A 139 -10.63 11.47 8.81
C SER A 139 -10.16 12.81 8.25
N GLU A 140 -10.69 13.86 8.86
CA GLU A 140 -10.43 15.24 8.48
C GLU A 140 -9.77 16.01 9.61
N ASP A 141 -10.27 15.87 10.82
CA ASP A 141 -9.77 16.65 11.96
C ASP A 141 -8.32 16.29 12.26
N LYS A 142 -7.53 17.33 12.55
CA LYS A 142 -6.12 17.18 12.84
C LYS A 142 -5.91 16.30 14.05
N GLU A 143 -6.88 16.24 14.98
CA GLU A 143 -6.65 15.47 16.20
C GLU A 143 -6.50 13.98 15.88
N PRO A 144 -7.47 13.33 15.22
CA PRO A 144 -7.23 11.94 14.82
C PRO A 144 -6.13 11.80 13.82
N LEU A 145 -5.95 12.76 12.91
CA LEU A 145 -4.92 12.57 11.90
C LEU A 145 -3.54 12.57 12.52
N LEU A 146 -3.32 13.43 13.52
CA LEU A 146 -2.05 13.45 14.24
C LEU A 146 -1.81 12.15 14.97
N ARG A 147 -2.84 11.56 15.58
CA ARG A 147 -2.69 10.28 16.25
C ARG A 147 -2.37 9.18 15.25
N ILE A 148 -3.08 9.16 14.12
CA ILE A 148 -2.77 8.16 13.09
C ILE A 148 -1.34 8.34 12.59
N GLY A 149 -0.97 9.57 12.26
CA GLY A 149 0.35 9.80 11.71
C GLY A 149 1.44 9.44 12.71
N GLY A 150 1.21 9.75 13.99
CA GLY A 150 2.16 9.37 15.03
C GLY A 150 2.31 7.86 15.16
N LYS A 151 1.19 7.14 15.11
CA LYS A 151 1.26 5.69 15.20
C LYS A 151 1.96 5.11 13.98
N PHE A 152 1.63 5.61 12.79
CA PHE A 152 2.29 5.19 11.55
C PHE A 152 3.80 5.41 11.64
N LYS A 153 4.19 6.57 12.15
CA LYS A 153 5.60 6.86 12.36
C LYS A 153 6.24 5.83 13.29
N GLN A 154 5.52 5.39 14.35
CA GLN A 154 6.07 4.38 15.23
C GLN A 154 6.19 3.01 14.54
N VAL A 155 5.17 2.63 13.79
CA VAL A 155 5.24 1.42 12.97
C VAL A 155 6.48 1.42 12.09
N LEU A 156 6.78 2.56 11.49
CA LEU A 156 7.92 2.67 10.59
C LEU A 156 9.23 2.85 11.33
N ALA A 157 9.17 2.99 12.65
CA ALA A 157 10.37 3.19 13.49
C ALA A 157 11.18 4.41 13.04
N LEU A 158 10.49 5.47 12.71
CA LEU A 158 11.11 6.71 12.27
C LEU A 158 11.40 7.60 13.46
N THR A 159 12.63 8.07 13.56
CA THR A 159 12.96 8.97 14.64
C THR A 159 13.27 10.38 14.16
N ASP A 160 13.13 10.66 12.88
CA ASP A 160 13.33 12.02 12.37
C ASP A 160 12.04 12.54 11.77
N ASP A 161 12.00 13.85 11.59
CA ASP A 161 10.88 14.49 10.93
C ASP A 161 11.13 14.59 9.42
N GLY A 162 10.05 14.57 8.66
CA GLY A 162 10.05 14.99 7.26
C GLY A 162 9.57 13.93 6.29
N HIS A 163 9.50 12.67 6.73
CA HIS A 163 9.12 11.60 5.83
C HIS A 163 7.62 11.47 5.65
N LEU A 164 6.81 12.09 6.51
CA LEU A 164 5.36 11.88 6.48
C LEU A 164 4.67 13.20 6.16
N GLU A 165 3.79 13.15 5.16
CA GLU A 165 3.06 14.33 4.73
C GLU A 165 1.60 13.94 4.56
N PHE A 166 0.71 14.70 5.19
CA PHE A 166 -0.72 14.47 5.04
C PHE A 166 -1.28 15.38 3.94
N PHE A 167 -1.94 14.76 2.95
CA PHE A 167 -2.57 15.46 1.83
C PHE A 167 -4.08 15.30 1.90
N PRO A 168 -4.85 16.35 2.15
CA PRO A 168 -6.30 16.22 2.07
C PRO A 168 -6.72 15.83 0.66
N HIS A 169 -7.87 15.15 0.56
CA HIS A 169 -8.34 14.72 -0.75
C HIS A 169 -8.45 15.88 -1.73
N SER A 170 -8.69 17.11 -1.24
CA SER A 170 -8.86 18.25 -2.12
C SER A 170 -7.59 18.57 -2.91
N SER A 171 -6.42 18.27 -2.35
CA SER A 171 -5.16 18.57 -3.04
CA SER A 171 -5.16 18.58 -3.05
C SER A 171 -4.95 17.69 -4.27
N ALA A 172 -5.70 16.59 -4.40
CA ALA A 172 -5.51 15.69 -5.55
C ALA A 172 -5.71 16.41 -6.87
N ASN A 173 -6.62 17.38 -6.90
CA ASN A 173 -6.90 18.13 -8.13
C ASN A 173 -5.69 18.91 -8.63
N GLY A 174 -4.69 19.13 -7.78
CA GLY A 174 -3.62 20.06 -8.10
C GLY A 174 -2.45 19.40 -8.83
N ARG A 175 -1.70 20.26 -9.52
CA ARG A 175 -0.43 19.87 -10.12
C ARG A 175 0.71 19.93 -9.12
N HIS A 176 0.57 20.70 -8.05
CA HIS A 176 1.61 20.83 -7.03
C HIS A 176 0.94 20.77 -5.66
N PRO A 177 0.30 19.66 -5.34
CA PRO A 177 -0.43 19.57 -4.09
C PRO A 177 0.48 19.85 -2.91
N GLN A 178 -0.10 20.38 -1.84
CA GLN A 178 0.69 20.76 -0.69
C GLN A 178 0.10 20.09 0.55
N PRO A 179 0.95 19.53 1.41
CA PRO A 179 0.44 18.82 2.58
C PRO A 179 0.01 19.79 3.66
N SER A 180 -0.99 19.38 4.42
CA SER A 180 -1.44 20.20 5.55
C SER A 180 -0.77 19.79 6.86
N ILE A 181 -0.14 18.62 6.93
CA ILE A 181 0.64 18.19 8.07
C ILE A 181 1.92 17.56 7.52
N THR A 182 3.06 17.88 8.15
CA THR A 182 4.31 17.18 7.86
C THR A 182 4.92 16.72 9.18
N LEU A 183 5.24 15.44 9.27
CA LEU A 183 5.87 14.83 10.46
C LEU A 183 7.02 13.95 10.01
N GLY B 1 -24.49 -2.60 17.70
CA GLY B 1 -23.34 -1.72 18.11
C GLY B 1 -21.98 -2.05 17.51
N PRO B 2 -20.92 -1.64 18.20
CA PRO B 2 -19.57 -1.83 17.66
C PRO B 2 -19.16 -3.29 17.53
N HIS B 3 -18.17 -3.51 16.67
CA HIS B 3 -17.52 -4.80 16.53
C HIS B 3 -16.10 -4.59 16.04
N MET B 4 -15.16 -5.41 16.54
CA MET B 4 -13.75 -5.23 16.22
C MET B 4 -12.94 -6.46 16.60
N ILE B 5 -11.95 -6.79 15.76
CA ILE B 5 -10.88 -7.70 16.15
C ILE B 5 -9.57 -7.03 15.84
N LYS B 6 -8.68 -6.95 16.85
CA LYS B 6 -7.36 -6.36 16.72
C LYS B 6 -6.29 -7.43 16.94
N TYR B 7 -5.22 -7.35 16.16
CA TYR B 7 -4.03 -8.18 16.29
C TYR B 7 -2.83 -7.26 16.32
N THR B 8 -1.90 -7.46 17.26
CA THR B 8 -0.69 -6.67 17.20
C THR B 8 0.19 -7.15 16.05
N ILE B 9 1.15 -6.31 15.70
CA ILE B 9 2.11 -6.69 14.66
C ILE B 9 2.82 -7.97 15.07
N ASP B 10 3.31 -8.03 16.32
CA ASP B 10 4.00 -9.23 16.79
C ASP B 10 3.09 -10.45 16.74
N GLU B 11 1.83 -10.29 17.11
CA GLU B 11 0.89 -11.41 17.04
C GLU B 11 0.80 -11.93 15.62
N LEU B 12 0.71 -11.02 14.65
CA LEU B 12 0.53 -11.41 13.27
C LEU B 12 1.80 -12.10 12.73
N PHE B 13 2.97 -11.60 13.12
CA PHE B 13 4.21 -12.29 12.75
C PHE B 13 4.28 -13.68 13.35
N GLN B 14 3.82 -13.85 14.60
CA GLN B 14 3.86 -15.17 15.22
C GLN B 14 2.98 -16.16 14.49
N LEU B 15 2.02 -15.69 13.69
CA LEU B 15 1.15 -16.55 12.90
C LEU B 15 1.67 -16.78 11.48
N LYS B 16 2.86 -16.27 11.15
CA LYS B 16 3.45 -16.46 9.81
C LYS B 16 4.06 -17.86 9.68
N PRO B 17 3.69 -18.64 8.65
CA PRO B 17 4.31 -19.95 8.42
C PRO B 17 5.82 -19.90 8.18
N THR B 20 5.49 -24.27 0.68
CA THR B 20 4.42 -24.04 -0.28
C THR B 20 3.09 -23.69 0.40
N LEU B 21 2.58 -22.50 0.10
CA LEU B 21 1.32 -22.00 0.63
C LEU B 21 0.37 -21.71 -0.53
N GLU B 22 -0.83 -22.29 -0.48
CA GLU B 22 -1.77 -22.21 -1.59
C GLU B 22 -2.46 -20.86 -1.59
N VAL B 23 -2.63 -20.28 -2.78
CA VAL B 23 -3.36 -19.03 -2.96
C VAL B 23 -4.48 -19.27 -3.96
N ASN B 24 -5.36 -18.27 -4.08
CA ASN B 24 -6.54 -18.39 -4.91
C ASN B 24 -6.42 -17.69 -6.24
N PHE B 25 -5.25 -17.14 -6.55
CA PHE B 25 -4.98 -16.52 -7.83
C PHE B 25 -3.81 -17.23 -8.48
N ASP B 26 -3.61 -16.93 -9.76
CA ASP B 26 -2.55 -17.56 -10.54
C ASP B 26 -1.27 -16.77 -10.26
N ALA B 27 -0.52 -17.23 -9.25
CA ALA B 27 0.69 -16.52 -8.83
C ALA B 27 1.79 -16.61 -9.88
N VAL B 28 1.81 -17.70 -10.66
CA VAL B 28 2.82 -17.83 -11.71
C VAL B 28 2.59 -16.79 -12.80
N GLU B 29 1.34 -16.64 -13.24
CA GLU B 29 1.06 -15.63 -14.24
C GLU B 29 1.30 -14.23 -13.71
N PHE B 30 0.87 -13.94 -12.48
CA PHE B 30 1.11 -12.62 -11.90
C PHE B 30 2.60 -12.26 -11.94
N ARG B 31 3.46 -13.18 -11.54
CA ARG B 31 4.90 -12.90 -11.59
C ARG B 31 5.37 -12.72 -13.03
N ALA B 32 4.87 -13.55 -13.94
CA ALA B 32 5.32 -13.47 -15.34
C ALA B 32 4.98 -12.11 -15.94
N ILE B 33 3.82 -11.55 -15.61
CA ILE B 33 3.44 -10.24 -16.14
C ILE B 33 4.42 -9.18 -15.66
N ILE B 34 4.76 -9.22 -14.37
CA ILE B 34 5.67 -8.24 -13.79
C ILE B 34 7.07 -8.38 -14.37
N GLU B 35 7.53 -9.62 -14.56
CA GLU B 35 8.85 -9.83 -15.15
C GLU B 35 8.90 -9.36 -16.60
N LYS B 36 7.81 -9.57 -17.35
CA LYS B 36 7.76 -9.09 -18.72
C LYS B 36 7.84 -7.56 -18.77
N VAL B 37 7.13 -6.88 -17.87
CA VAL B 37 7.23 -5.42 -17.80
C VAL B 37 8.68 -4.99 -17.55
N LYS B 38 9.36 -5.66 -16.62
CA LYS B 38 10.73 -5.27 -16.32
C LYS B 38 11.64 -5.50 -17.50
N GLN B 39 11.42 -6.57 -18.24
CA GLN B 39 12.19 -6.84 -19.44
C GLN B 39 12.05 -5.69 -20.43
N LEU B 40 10.80 -5.27 -20.69
CA LEU B 40 10.55 -4.19 -21.64
C LEU B 40 11.11 -2.85 -21.14
N GLN B 41 10.99 -2.57 -19.84
CA GLN B 41 11.55 -1.32 -19.30
C GLN B 41 13.04 -1.29 -19.47
N HIS B 42 13.68 -2.42 -19.21
CA HIS B 42 15.13 -2.49 -19.35
C HIS B 42 15.56 -2.28 -20.79
N LEU B 43 14.85 -2.89 -21.73
CA LEU B 43 15.22 -2.69 -23.13
C LEU B 43 15.03 -1.25 -23.55
N LYS B 44 14.02 -0.56 -23.00
CA LYS B 44 13.68 0.77 -23.47
C LYS B 44 14.46 1.87 -22.76
N GLU B 45 14.91 1.66 -21.53
CA GLU B 45 15.73 2.64 -20.85
C GLU B 45 17.16 2.59 -21.37
N GLU B 46 17.72 3.75 -21.69
CA GLU B 46 19.06 3.86 -22.26
C GLU B 46 20.06 4.04 -21.12
N GLU B 47 20.70 2.94 -20.72
CA GLU B 47 21.56 2.93 -19.55
C GLU B 47 22.92 3.57 -19.78
N PHE B 48 23.29 3.86 -21.03
CA PHE B 48 24.64 4.35 -21.35
C PHE B 48 24.61 5.61 -22.22
#